data_8HD5
#
_entry.id   8HD5
#
_cell.length_a   41.427
_cell.length_b   82.369
_cell.length_c   61.633
_cell.angle_alpha   90.000
_cell.angle_beta   93.157
_cell.angle_gamma   90.000
#
_symmetry.space_group_name_H-M   'P 1 21 1'
#
loop_
_entity.id
_entity.type
_entity.pdbx_description
1 polymer 'DNA-binding protein HU'
2 water water
#
_entity_poly.entity_id   1
_entity_poly.type   'polypeptide(L)'
_entity_poly.pdbx_seq_one_letter_code
;MNKTDLINAVAEQADLTKKEAGSAVDAVFESIQNSLAKGEKVQLIGFGNFEVRERAARKGRNPQTGKEIDIPASKVPAFK
AGKALKDAVK
;
_entity_poly.pdbx_strand_id   A,C,B,D
#
# COMPACT_ATOMS: atom_id res chain seq x y z
N MET A 1 -0.54 2.29 0.03
CA MET A 1 0.74 2.90 0.42
C MET A 1 0.47 4.13 1.29
N ASN A 2 0.96 4.14 2.53
CA ASN A 2 0.74 5.30 3.39
C ASN A 2 2.05 6.11 3.49
N LYS A 3 2.04 7.11 4.36
CA LYS A 3 3.18 8.01 4.44
C LYS A 3 4.47 7.27 4.80
N THR A 4 4.41 6.39 5.82
CA THR A 4 5.57 5.60 6.21
C THR A 4 6.07 4.75 5.05
N ASP A 5 5.16 4.07 4.36
CA ASP A 5 5.53 3.34 3.15
C ASP A 5 6.22 4.24 2.14
N LEU A 6 5.67 5.44 1.93
CA LEU A 6 6.27 6.35 0.96
C LEU A 6 7.68 6.77 1.39
N ILE A 7 7.85 7.07 2.67
CA ILE A 7 9.17 7.43 3.18
C ILE A 7 10.17 6.29 2.96
N ASN A 8 9.74 5.03 3.16
CA ASN A 8 10.64 3.90 2.88
C ASN A 8 10.97 3.81 1.39
N ALA A 9 9.98 4.04 0.52
CA ALA A 9 10.29 4.03 -0.91
C ALA A 9 11.32 5.13 -1.28
N VAL A 10 11.18 6.31 -0.68
CA VAL A 10 12.11 7.41 -1.00
C VAL A 10 13.51 7.10 -0.47
N ALA A 11 13.60 6.61 0.76
CA ALA A 11 14.89 6.21 1.32
C ALA A 11 15.61 5.25 0.38
N GLU A 12 14.88 4.25 -0.11
CA GLU A 12 15.45 3.24 -1.01
C GLU A 12 15.86 3.85 -2.34
N GLN A 13 14.91 4.50 -3.03
CA GLN A 13 15.16 4.97 -4.39
C GLN A 13 16.14 6.15 -4.42
N ALA A 14 16.07 7.05 -3.44
CA ALA A 14 17.00 8.20 -3.43
C ALA A 14 18.27 7.92 -2.65
N ASP A 15 18.38 6.76 -2.02
CA ASP A 15 19.56 6.38 -1.23
C ASP A 15 19.80 7.38 -0.10
N LEU A 16 18.83 7.45 0.80
CA LEU A 16 18.85 8.35 1.94
C LEU A 16 18.56 7.54 3.18
N THR A 17 19.02 8.01 4.33
CA THR A 17 18.58 7.37 5.55
C THR A 17 17.06 7.52 5.70
N LYS A 18 16.45 6.65 6.50
CA LYS A 18 15.02 6.78 6.75
C LYS A 18 14.68 8.14 7.32
N LYS A 19 15.58 8.69 8.15
CA LYS A 19 15.37 10.00 8.76
C LYS A 19 15.42 11.11 7.72
N GLU A 20 16.38 11.03 6.79
CA GLU A 20 16.51 12.03 5.73
C GLU A 20 15.31 11.97 4.78
N ALA A 21 14.92 10.75 4.37
CA ALA A 21 13.73 10.61 3.55
C ALA A 21 12.50 11.11 4.29
N GLY A 22 12.42 10.84 5.59
CA GLY A 22 11.33 11.39 6.37
C GLY A 22 11.28 12.91 6.32
N SER A 23 12.42 13.55 6.55
CA SER A 23 12.49 15.02 6.48
C SER A 23 12.10 15.51 5.09
N ALA A 24 12.59 14.84 4.05
CA ALA A 24 12.33 15.25 2.67
C ALA A 24 10.85 15.17 2.32
N VAL A 25 10.20 14.05 2.66
CA VAL A 25 8.78 13.86 2.34
C VAL A 25 7.93 14.87 3.10
N ASP A 26 8.21 15.06 4.39
CA ASP A 26 7.54 16.11 5.13
C ASP A 26 7.69 17.45 4.43
N ALA A 27 8.91 17.76 3.97
CA ALA A 27 9.18 19.05 3.33
C ALA A 27 8.44 19.19 2.00
N VAL A 28 8.33 18.09 1.22
CA VAL A 28 7.60 18.17 -0.04
C VAL A 28 6.18 18.64 0.21
N PHE A 29 5.48 17.99 1.14
CA PHE A 29 4.05 18.26 1.24
C PHE A 29 3.77 19.53 2.04
N GLU A 30 4.60 19.83 3.03
CA GLU A 30 4.45 21.12 3.70
C GLU A 30 4.77 22.27 2.75
N SER A 31 5.66 22.07 1.78
CA SER A 31 5.96 23.14 0.83
C SER A 31 4.79 23.36 -0.12
N ILE A 32 4.16 22.28 -0.56
CA ILE A 32 3.01 22.40 -1.45
C ILE A 32 1.87 23.05 -0.71
N GLN A 33 1.65 22.64 0.54
CA GLN A 33 0.64 23.25 1.38
C GLN A 33 0.91 24.73 1.62
N ASN A 34 2.17 25.09 1.92
CA ASN A 34 2.50 26.50 2.17
C ASN A 34 2.35 27.34 0.91
N SER A 35 2.62 26.77 -0.25
CA SER A 35 2.43 27.50 -1.50
C SER A 35 0.94 27.79 -1.73
N LEU A 36 0.11 26.74 -1.64
CA LEU A 36 -1.33 26.93 -1.83
C LEU A 36 -1.92 27.83 -0.77
N ALA A 37 -1.37 27.81 0.46
CA ALA A 37 -1.89 28.70 1.50
C ALA A 37 -1.74 30.16 1.11
N LYS A 38 -0.68 30.48 0.36
CA LYS A 38 -0.45 31.83 -0.14
C LYS A 38 -1.13 32.08 -1.48
N GLY A 39 -2.00 31.18 -1.95
CA GLY A 39 -2.67 31.32 -3.22
C GLY A 39 -1.82 31.00 -4.44
N GLU A 40 -0.56 30.59 -4.26
CA GLU A 40 0.32 30.32 -5.39
C GLU A 40 0.10 28.91 -5.93
N LYS A 41 -0.03 28.80 -7.26
CA LYS A 41 -0.13 27.51 -7.92
C LYS A 41 1.18 26.73 -7.81
N VAL A 42 1.05 25.40 -7.79
CA VAL A 42 2.20 24.49 -7.84
C VAL A 42 2.14 23.74 -9.15
N GLN A 43 3.20 23.85 -9.94
CA GLN A 43 3.29 23.22 -11.26
C GLN A 43 4.45 22.22 -11.20
N LEU A 44 4.14 20.93 -11.20
CA LEU A 44 5.15 19.88 -11.10
C LEU A 44 5.21 19.12 -12.42
N ILE A 45 6.14 19.55 -13.28
CA ILE A 45 6.32 18.97 -14.61
C ILE A 45 6.44 17.46 -14.52
N GLY A 46 5.60 16.76 -15.29
CA GLY A 46 5.62 15.32 -15.29
C GLY A 46 4.92 14.67 -14.12
N PHE A 47 4.23 15.44 -13.27
CA PHE A 47 3.31 14.88 -12.27
C PHE A 47 1.92 15.50 -12.35
N GLY A 48 1.83 16.82 -12.25
CA GLY A 48 0.53 17.46 -12.10
C GLY A 48 0.65 18.80 -11.43
N ASN A 49 -0.48 19.52 -11.41
CA ASN A 49 -0.55 20.86 -10.85
C ASN A 49 -1.51 20.91 -9.67
N PHE A 50 -1.11 21.67 -8.66
CA PHE A 50 -1.97 22.00 -7.53
C PHE A 50 -2.37 23.46 -7.62
N GLU A 51 -3.64 23.75 -7.37
CA GLU A 51 -4.07 25.13 -7.27
C GLU A 51 -5.21 25.25 -6.29
N VAL A 52 -5.63 26.48 -6.05
CA VAL A 52 -6.73 26.79 -5.16
C VAL A 52 -7.91 27.17 -6.03
N ARG A 53 -9.03 26.46 -5.88
CA ARG A 53 -10.25 26.79 -6.62
C ARG A 53 -11.19 27.59 -5.71
N GLU A 54 -11.62 28.75 -6.21
CA GLU A 54 -12.57 29.60 -5.49
C GLU A 54 -13.98 29.33 -5.98
N ARG A 55 -14.92 29.21 -5.05
CA ARG A 55 -16.33 29.08 -5.37
C ARG A 55 -17.10 30.12 -4.58
N ALA A 56 -18.09 30.74 -5.23
CA ALA A 56 -18.79 31.84 -4.61
C ALA A 56 -19.98 31.34 -3.78
N ALA A 57 -20.47 32.22 -2.91
CA ALA A 57 -21.69 31.94 -2.15
C ALA A 57 -22.82 31.56 -3.09
N ARG A 58 -23.76 30.78 -2.58
CA ARG A 58 -24.55 29.98 -3.49
C ARG A 58 -25.78 29.46 -2.75
N LYS A 59 -26.85 29.19 -3.51
CA LYS A 59 -28.06 28.58 -2.98
C LYS A 59 -28.12 27.13 -3.41
N GLY A 60 -28.41 26.25 -2.47
CA GLY A 60 -28.41 24.84 -2.73
C GLY A 60 -29.50 24.14 -1.98
N ARG A 61 -29.34 22.83 -1.74
CA ARG A 61 -30.42 22.05 -1.19
C ARG A 61 -29.90 20.87 -0.40
N ASN A 62 -30.51 20.66 0.77
CA ASN A 62 -30.14 19.53 1.60
C ASN A 62 -30.64 18.26 0.94
N PRO A 63 -29.78 17.25 0.77
CA PRO A 63 -30.22 16.02 0.10
C PRO A 63 -31.38 15.31 0.80
N GLN A 64 -31.33 15.24 2.14
CA GLN A 64 -32.31 14.45 2.88
C GLN A 64 -33.55 15.23 3.30
N THR A 65 -33.50 16.57 3.29
CA THR A 65 -34.65 17.35 3.72
C THR A 65 -35.42 17.97 2.55
N GLY A 66 -34.75 18.36 1.48
CA GLY A 66 -35.36 19.19 0.48
C GLY A 66 -35.37 20.67 0.82
N LYS A 67 -34.80 21.05 1.96
CA LYS A 67 -34.78 22.43 2.41
C LYS A 67 -33.84 23.26 1.53
N GLU A 68 -34.18 24.53 1.32
CA GLU A 68 -33.20 25.45 0.76
C GLU A 68 -32.15 25.80 1.81
N ILE A 69 -30.88 25.76 1.39
CA ILE A 69 -29.75 26.03 2.26
C ILE A 69 -28.91 27.12 1.61
N ASP A 70 -28.24 27.90 2.45
CA ASP A 70 -27.17 28.78 1.96
C ASP A 70 -25.88 27.97 1.84
N ILE A 71 -25.21 28.11 0.70
CA ILE A 71 -23.88 27.54 0.52
C ILE A 71 -22.88 28.68 0.50
N PRO A 72 -21.99 28.77 1.48
CA PRO A 72 -21.07 29.91 1.56
C PRO A 72 -19.95 29.81 0.54
N ALA A 73 -19.31 30.94 0.29
CA ALA A 73 -18.11 30.93 -0.54
C ALA A 73 -17.06 30.02 0.09
N SER A 74 -16.19 29.49 -0.76
CA SER A 74 -15.20 28.53 -0.29
C SER A 74 -13.93 28.63 -1.14
N LYS A 75 -12.84 28.15 -0.56
CA LYS A 75 -11.56 27.95 -1.25
C LYS A 75 -11.11 26.54 -0.94
N VAL A 76 -10.95 25.72 -1.96
CA VAL A 76 -10.58 24.33 -1.72
C VAL A 76 -9.34 24.00 -2.55
N PRO A 77 -8.53 23.03 -2.12
CA PRO A 77 -7.41 22.59 -2.95
C PRO A 77 -7.89 21.78 -4.14
N ALA A 78 -7.15 21.89 -5.25
CA ALA A 78 -7.48 21.16 -6.47
C ALA A 78 -6.21 20.60 -7.09
N PHE A 79 -6.29 19.35 -7.56
CA PHE A 79 -5.17 18.69 -8.23
C PHE A 79 -5.52 18.38 -9.68
N LYS A 80 -4.61 18.70 -10.60
CA LYS A 80 -4.78 18.41 -12.01
C LYS A 80 -3.64 17.52 -12.47
N ALA A 81 -3.95 16.27 -12.79
CA ALA A 81 -2.91 15.32 -13.15
C ALA A 81 -2.34 15.68 -14.52
N GLY A 82 -1.06 15.39 -14.71
CA GLY A 82 -0.40 15.54 -15.99
C GLY A 82 -0.36 14.23 -16.75
N LYS A 83 0.19 14.31 -17.97
CA LYS A 83 0.11 13.21 -18.92
C LYS A 83 0.80 11.96 -18.40
N ALA A 84 2.00 12.10 -17.81
CA ALA A 84 2.73 10.95 -17.32
C ALA A 84 1.91 10.17 -16.30
N LEU A 85 1.27 10.87 -15.37
CA LEU A 85 0.43 10.23 -14.38
C LEU A 85 -0.82 9.63 -15.01
N LYS A 86 -1.44 10.37 -15.93
CA LYS A 86 -2.65 9.88 -16.59
C LYS A 86 -2.36 8.62 -17.40
N ASP A 87 -1.27 8.63 -18.17
CA ASP A 87 -0.96 7.48 -19.03
C ASP A 87 -0.57 6.26 -18.22
N ALA A 88 0.10 6.46 -17.07
CA ALA A 88 0.49 5.32 -16.27
C ALA A 88 -0.70 4.69 -15.56
N VAL A 89 -1.74 5.46 -15.30
CA VAL A 89 -2.91 4.90 -14.62
C VAL A 89 -3.80 4.17 -15.62
N LYS A 90 -3.91 4.70 -16.83
CA LYS A 90 -4.82 4.11 -17.82
C LYS A 90 -4.18 2.94 -18.55
N MET B 1 5.14 28.06 -7.56
CA MET B 1 6.25 27.14 -7.28
C MET B 1 6.27 26.05 -8.35
N ASN B 2 7.40 25.90 -9.05
CA ASN B 2 7.56 24.79 -9.98
C ASN B 2 8.45 23.73 -9.34
N LYS B 3 8.80 22.70 -10.12
CA LYS B 3 9.55 21.60 -9.55
C LYS B 3 10.94 22.04 -9.05
N THR B 4 11.62 22.89 -9.81
CA THR B 4 12.90 23.42 -9.38
C THR B 4 12.78 24.14 -8.04
N ASP B 5 11.74 24.97 -7.90
CA ASP B 5 11.51 25.69 -6.64
C ASP B 5 11.21 24.73 -5.50
N LEU B 6 10.45 23.67 -5.78
CA LEU B 6 10.11 22.70 -4.75
C LEU B 6 11.36 21.99 -4.26
N ILE B 7 12.22 21.58 -5.19
CA ILE B 7 13.50 20.95 -4.84
C ILE B 7 14.34 21.86 -3.94
N ASN B 8 14.37 23.17 -4.24
CA ASN B 8 15.12 24.13 -3.43
C ASN B 8 14.48 24.29 -2.05
N ALA B 9 13.15 24.28 -1.99
CA ALA B 9 12.47 24.36 -0.71
C ALA B 9 12.74 23.12 0.12
N VAL B 10 12.81 21.96 -0.54
CA VAL B 10 13.07 20.72 0.17
C VAL B 10 14.52 20.70 0.67
N ALA B 11 15.46 21.10 -0.18
CA ALA B 11 16.84 21.20 0.27
C ALA B 11 16.98 22.09 1.52
N GLU B 12 16.27 23.23 1.53
CA GLU B 12 16.36 24.15 2.66
C GLU B 12 15.77 23.55 3.94
N GLN B 13 14.52 23.10 3.86
CA GLN B 13 13.85 22.63 5.07
C GLN B 13 14.45 21.32 5.58
N ALA B 14 14.74 20.38 4.69
CA ALA B 14 15.27 19.10 5.15
C ALA B 14 16.80 19.10 5.26
N ASP B 15 17.48 20.19 4.93
CA ASP B 15 18.95 20.29 5.07
C ASP B 15 19.66 19.18 4.29
N LEU B 16 19.43 19.20 2.99
CA LEU B 16 19.96 18.25 2.03
C LEU B 16 20.57 19.02 0.87
N THR B 17 21.53 18.41 0.18
CA THR B 17 22.07 19.03 -1.02
C THR B 17 20.97 19.11 -2.07
N LYS B 18 21.16 20.00 -3.05
CA LYS B 18 20.16 20.15 -4.10
C LYS B 18 20.00 18.84 -4.89
N LYS B 19 21.07 18.06 -5.00
CA LYS B 19 21.00 16.78 -5.70
C LYS B 19 20.26 15.73 -4.89
N GLU B 20 20.48 15.71 -3.56
CA GLU B 20 19.72 14.81 -2.71
C GLU B 20 18.24 15.16 -2.74
N ALA B 21 17.91 16.44 -2.61
CA ALA B 21 16.51 16.85 -2.63
C ALA B 21 15.87 16.53 -3.99
N GLY B 22 16.62 16.73 -5.07
CA GLY B 22 16.10 16.39 -6.39
C GLY B 22 15.81 14.90 -6.53
N SER B 23 16.71 14.06 -6.00
CA SER B 23 16.46 12.62 -5.98
C SER B 23 15.24 12.28 -5.12
N ALA B 24 15.10 12.90 -3.96
CA ALA B 24 13.94 12.63 -3.11
C ALA B 24 12.63 13.07 -3.79
N VAL B 25 12.60 14.28 -4.35
CA VAL B 25 11.39 14.75 -5.01
C VAL B 25 11.01 13.81 -6.16
N ASP B 26 11.99 13.42 -6.97
CA ASP B 26 11.70 12.48 -8.06
C ASP B 26 11.15 11.17 -7.53
N ALA B 27 11.68 10.71 -6.38
CA ALA B 27 11.26 9.43 -5.83
C ALA B 27 9.83 9.48 -5.33
N VAL B 28 9.43 10.60 -4.72
CA VAL B 28 8.05 10.76 -4.25
C VAL B 28 7.07 10.61 -5.42
N PHE B 29 7.33 11.32 -6.51
CA PHE B 29 6.34 11.33 -7.59
C PHE B 29 6.36 10.04 -8.37
N GLU B 30 7.54 9.45 -8.54
CA GLU B 30 7.64 8.12 -9.15
C GLU B 30 6.92 7.08 -8.30
N SER B 31 7.08 7.16 -6.98
CA SER B 31 6.44 6.17 -6.10
C SER B 31 4.92 6.36 -6.05
N ILE B 32 4.44 7.60 -6.13
CA ILE B 32 2.99 7.80 -6.21
C ILE B 32 2.46 7.29 -7.55
N GLN B 33 3.14 7.66 -8.64
CA GLN B 33 2.73 7.17 -9.96
C GLN B 33 2.73 5.64 -10.00
N ASN B 34 3.74 5.00 -9.41
CA ASN B 34 3.84 3.55 -9.46
C ASN B 34 2.74 2.90 -8.63
N SER B 35 2.44 3.47 -7.47
CA SER B 35 1.36 2.96 -6.63
C SER B 35 0.02 3.00 -7.38
N LEU B 36 -0.31 4.16 -7.94
CA LEU B 36 -1.58 4.28 -8.65
C LEU B 36 -1.62 3.42 -9.90
N ALA B 37 -0.48 3.26 -10.59
CA ALA B 37 -0.46 2.39 -11.76
C ALA B 37 -0.86 0.96 -11.39
N LYS B 38 -0.65 0.55 -10.15
CA LYS B 38 -1.08 -0.75 -9.66
C LYS B 38 -2.46 -0.72 -9.05
N GLY B 39 -3.16 0.41 -9.16
CA GLY B 39 -4.47 0.53 -8.56
C GLY B 39 -4.48 0.76 -7.08
N GLU B 40 -3.33 1.04 -6.47
CA GLU B 40 -3.28 1.14 -5.02
C GLU B 40 -3.30 2.60 -4.59
N LYS B 41 -4.19 2.89 -3.65
CA LYS B 41 -4.31 4.23 -3.09
C LYS B 41 -3.04 4.65 -2.36
N VAL B 42 -2.79 5.96 -2.35
CA VAL B 42 -1.73 6.56 -1.57
C VAL B 42 -2.38 7.42 -0.50
N GLN B 43 -2.22 7.04 0.77
CA GLN B 43 -2.81 7.75 1.90
C GLN B 43 -1.74 8.56 2.61
N LEU B 44 -1.82 9.90 2.54
CA LEU B 44 -0.84 10.79 3.15
C LEU B 44 -1.55 11.60 4.23
N ILE B 45 -1.31 11.24 5.49
CA ILE B 45 -2.00 11.87 6.61
C ILE B 45 -1.83 13.39 6.57
N GLY B 46 -2.93 14.09 6.82
CA GLY B 46 -2.92 15.55 6.72
C GLY B 46 -3.06 16.08 5.30
N PHE B 47 -2.21 15.61 4.38
CA PHE B 47 -2.19 16.19 3.04
C PHE B 47 -3.38 15.73 2.20
N GLY B 48 -3.56 14.43 2.06
CA GLY B 48 -4.68 13.89 1.29
C GLY B 48 -4.33 12.54 0.71
N ASN B 49 -5.22 12.07 -0.17
CA ASN B 49 -5.12 10.75 -0.80
C ASN B 49 -5.05 10.88 -2.31
N PHE B 50 -4.16 10.10 -2.93
CA PHE B 50 -4.19 9.87 -4.36
C PHE B 50 -4.83 8.52 -4.63
N GLU B 51 -5.87 8.49 -5.46
CA GLU B 51 -6.57 7.25 -5.75
C GLU B 51 -6.76 7.09 -7.25
N VAL B 52 -7.16 5.91 -7.66
CA VAL B 52 -7.60 5.65 -9.02
C VAL B 52 -9.12 5.68 -9.04
N ARG B 53 -9.68 6.47 -9.94
CA ARG B 53 -11.14 6.52 -10.12
C ARG B 53 -11.45 5.90 -11.48
N GLU B 54 -12.44 4.98 -11.49
CA GLU B 54 -12.93 4.39 -12.73
C GLU B 54 -14.07 5.22 -13.32
N ARG B 55 -13.96 5.54 -14.60
CA ARG B 55 -15.06 6.08 -15.37
C ARG B 55 -15.79 4.91 -16.03
N ALA B 56 -17.07 4.79 -15.73
CA ALA B 56 -17.82 3.60 -16.14
C ALA B 56 -17.85 3.46 -17.65
N ALA B 57 -17.91 2.21 -18.11
CA ALA B 57 -18.29 1.95 -19.49
C ALA B 57 -19.65 2.57 -19.79
N ARG B 58 -19.88 2.92 -21.04
CA ARG B 58 -21.15 3.56 -21.37
C ARG B 58 -21.46 3.37 -22.85
N LYS B 59 -22.63 3.84 -23.24
CA LYS B 59 -23.13 3.71 -24.59
C LYS B 59 -23.18 5.07 -25.25
N GLY B 60 -22.77 5.12 -26.50
CA GLY B 60 -22.87 6.33 -27.30
C GLY B 60 -23.57 6.01 -28.60
N ARG B 61 -23.68 7.02 -29.44
CA ARG B 61 -24.27 6.85 -30.76
C ARG B 61 -23.31 7.44 -31.78
N ASN B 62 -22.97 6.67 -32.80
CA ASN B 62 -22.20 7.20 -33.91
C ASN B 62 -23.10 8.16 -34.71
N PRO B 63 -22.74 9.44 -34.84
CA PRO B 63 -23.62 10.40 -35.52
C PRO B 63 -23.73 10.16 -37.03
N GLN B 64 -22.80 9.41 -37.62
CA GLN B 64 -22.86 9.07 -39.03
C GLN B 64 -23.80 7.92 -39.33
N THR B 65 -23.61 6.83 -38.61
CA THR B 65 -24.27 5.58 -38.89
C THR B 65 -25.55 5.47 -38.10
N GLY B 66 -25.72 6.31 -37.09
CA GLY B 66 -26.84 6.21 -36.17
C GLY B 66 -26.78 4.99 -35.29
N LYS B 67 -25.67 4.27 -35.27
CA LYS B 67 -25.60 3.03 -34.54
C LYS B 67 -25.00 3.25 -33.17
N GLU B 68 -25.42 2.42 -32.22
CA GLU B 68 -24.91 2.50 -30.86
C GLU B 68 -23.46 2.06 -30.85
N ILE B 69 -22.64 2.78 -30.09
CA ILE B 69 -21.24 2.44 -29.89
C ILE B 69 -21.01 2.16 -28.41
N ASP B 70 -19.93 1.47 -28.12
CA ASP B 70 -19.53 1.20 -26.75
C ASP B 70 -18.30 2.01 -26.42
N ILE B 71 -18.39 2.85 -25.41
CA ILE B 71 -17.24 3.56 -24.86
C ILE B 71 -16.70 2.76 -23.70
N PRO B 72 -15.51 2.19 -23.78
CA PRO B 72 -15.02 1.33 -22.71
C PRO B 72 -14.76 2.12 -21.43
N ALA B 73 -14.80 1.40 -20.30
CA ALA B 73 -14.44 2.00 -19.02
C ALA B 73 -12.97 2.43 -19.02
N SER B 74 -12.65 3.45 -18.23
CA SER B 74 -11.29 3.95 -18.16
C SER B 74 -10.94 4.32 -16.72
N LYS B 75 -9.65 4.41 -16.46
CA LYS B 75 -9.16 4.78 -15.14
C LYS B 75 -8.42 6.11 -15.24
N VAL B 76 -8.67 6.99 -14.27
CA VAL B 76 -8.01 8.29 -14.21
C VAL B 76 -7.46 8.50 -12.81
N PRO B 77 -6.43 9.33 -12.67
CA PRO B 77 -5.96 9.71 -11.33
C PRO B 77 -6.96 10.62 -10.63
N ALA B 78 -7.02 10.51 -9.30
CA ALA B 78 -7.86 11.39 -8.51
C ALA B 78 -7.12 11.78 -7.24
N PHE B 79 -7.44 12.95 -6.71
CA PHE B 79 -6.82 13.41 -5.46
C PHE B 79 -7.91 13.91 -4.52
N LYS B 80 -7.82 13.52 -3.26
CA LYS B 80 -8.79 13.95 -2.27
C LYS B 80 -8.05 14.60 -1.12
N ALA B 81 -8.22 15.91 -0.97
CA ALA B 81 -7.44 16.69 -0.02
C ALA B 81 -7.82 16.32 1.41
N GLY B 82 -6.82 16.35 2.30
CA GLY B 82 -7.04 16.09 3.71
C GLY B 82 -7.31 17.35 4.50
N LYS B 83 -7.52 17.17 5.81
CA LYS B 83 -7.93 18.28 6.66
C LYS B 83 -6.85 19.34 6.80
N ALA B 84 -5.57 18.96 6.90
CA ALA B 84 -4.52 19.95 7.06
C ALA B 84 -4.38 20.81 5.81
N LEU B 85 -4.45 20.18 4.63
CA LEU B 85 -4.38 20.93 3.37
C LEU B 85 -5.61 21.80 3.17
N LYS B 86 -6.80 21.28 3.50
CA LYS B 86 -8.02 22.07 3.31
C LYS B 86 -8.04 23.26 4.27
N ASP B 87 -7.64 23.05 5.52
CA ASP B 87 -7.64 24.11 6.51
C ASP B 87 -6.59 25.16 6.20
N ALA B 88 -5.53 24.79 5.50
CA ALA B 88 -4.50 25.75 5.11
C ALA B 88 -4.97 26.73 4.05
N VAL B 89 -6.00 26.38 3.26
CA VAL B 89 -6.39 27.20 2.12
C VAL B 89 -7.76 27.86 2.30
N LYS B 90 -8.53 27.49 3.33
CA LYS B 90 -9.88 28.04 3.49
C LYS B 90 -9.87 29.51 3.95
N MET C 1 5.36 -28.75 8.83
CA MET C 1 6.53 -28.09 9.41
C MET C 1 6.13 -27.24 10.61
N ASN C 2 6.83 -27.39 11.73
CA ASN C 2 6.62 -26.52 12.89
C ASN C 2 7.84 -25.62 13.10
N LYS C 3 7.80 -24.84 14.19
CA LYS C 3 8.84 -23.87 14.46
C LYS C 3 10.20 -24.52 14.76
N THR C 4 10.21 -25.71 15.40
CA THR C 4 11.46 -26.44 15.61
C THR C 4 12.05 -26.94 14.30
N ASP C 5 11.20 -27.49 13.41
CA ASP C 5 11.66 -27.85 12.06
C ASP C 5 12.28 -26.64 11.37
N LEU C 6 11.63 -25.48 11.48
CA LEU C 6 12.15 -24.27 10.87
C LEU C 6 13.50 -23.89 11.47
N ILE C 7 13.62 -23.95 12.80
CA ILE C 7 14.88 -23.59 13.47
C ILE C 7 16.01 -24.53 13.06
N ASN C 8 15.70 -25.82 12.94
CA ASN C 8 16.71 -26.78 12.51
C ASN C 8 17.16 -26.49 11.08
N ALA C 9 16.21 -26.13 10.20
CA ALA C 9 16.56 -25.80 8.82
C ALA C 9 17.45 -24.56 8.76
N VAL C 10 17.16 -23.56 9.59
CA VAL C 10 17.99 -22.36 9.61
C VAL C 10 19.38 -22.67 10.17
N ALA C 11 19.44 -23.46 11.24
CA ALA C 11 20.72 -23.83 11.83
C ALA C 11 21.68 -24.38 10.78
N GLU C 12 21.19 -25.26 9.89
CA GLU C 12 22.06 -25.90 8.91
C GLU C 12 22.39 -24.98 7.74
N GLN C 13 21.38 -24.47 7.03
CA GLN C 13 21.64 -23.64 5.85
C GLN C 13 22.50 -22.43 6.18
N ALA C 14 22.44 -21.95 7.42
CA ALA C 14 23.15 -20.75 7.81
C ALA C 14 24.30 -21.01 8.78
N ASP C 15 24.50 -22.25 9.21
CA ASP C 15 25.58 -22.66 10.12
C ASP C 15 25.58 -21.84 11.42
N LEU C 16 24.48 -21.95 12.15
CA LEU C 16 24.38 -21.40 13.50
C LEU C 16 24.15 -22.54 14.47
N THR C 17 24.44 -22.29 15.74
CA THR C 17 23.96 -23.21 16.75
C THR C 17 22.43 -23.18 16.75
N LYS C 18 21.82 -24.28 17.20
CA LYS C 18 20.36 -24.28 17.28
C LYS C 18 19.88 -23.12 18.16
N LYS C 19 20.69 -22.70 19.13
CA LYS C 19 20.31 -21.54 19.93
C LYS C 19 20.39 -20.24 19.13
N GLU C 20 21.33 -20.14 18.20
CA GLU C 20 21.42 -18.90 17.43
C GLU C 20 20.35 -18.86 16.36
N ALA C 21 20.06 -20.02 15.76
CA ALA C 21 18.97 -20.11 14.81
C ALA C 21 17.65 -19.79 15.48
N GLY C 22 17.47 -20.23 16.73
CA GLY C 22 16.25 -19.90 17.46
C GLY C 22 16.12 -18.41 17.68
N SER C 23 17.21 -17.76 18.08
CA SER C 23 17.21 -16.31 18.23
C SER C 23 16.86 -15.63 16.91
N ALA C 24 17.43 -16.12 15.81
CA ALA C 24 17.17 -15.56 14.50
C ALA C 24 15.71 -15.70 14.08
N VAL C 25 15.13 -16.90 14.27
CA VAL C 25 13.74 -17.12 13.88
C VAL C 25 12.81 -16.22 14.70
N ASP C 26 13.04 -16.14 16.01
CA ASP C 26 12.21 -15.26 16.83
C ASP C 26 12.36 -13.81 16.40
N ALA C 27 13.58 -13.39 16.02
CA ALA C 27 13.78 -12.03 15.54
C ALA C 27 13.03 -11.78 14.23
N VAL C 28 13.01 -12.77 13.32
CA VAL C 28 12.26 -12.59 12.07
C VAL C 28 10.81 -12.25 12.37
N PHE C 29 10.17 -13.03 13.25
CA PHE C 29 8.74 -12.84 13.42
C PHE C 29 8.42 -11.67 14.34
N GLU C 30 9.27 -11.37 15.32
CA GLU C 30 9.02 -10.17 16.11
C GLU C 30 9.24 -8.92 15.28
N SER C 31 10.22 -8.92 14.37
CA SER C 31 10.44 -7.76 13.52
C SER C 31 9.23 -7.51 12.62
N ILE C 32 8.65 -8.57 12.07
CA ILE C 32 7.48 -8.42 11.20
C ILE C 32 6.30 -7.92 12.01
N GLN C 33 6.12 -8.47 13.20
CA GLN C 33 5.01 -8.07 14.06
C GLN C 33 5.15 -6.62 14.51
N ASN C 34 6.38 -6.17 14.78
CA ASN C 34 6.58 -4.80 15.23
C ASN C 34 6.41 -3.80 14.10
N SER C 35 6.77 -4.19 12.89
CA SER C 35 6.55 -3.34 11.72
C SER C 35 5.06 -3.17 11.43
N LEU C 36 4.30 -4.28 11.46
CA LEU C 36 2.86 -4.19 11.22
C LEU C 36 2.17 -3.44 12.34
N ALA C 37 2.64 -3.63 13.58
CA ALA C 37 2.09 -2.92 14.72
C ALA C 37 2.18 -1.41 14.56
N LYS C 38 3.19 -0.93 13.82
CA LYS C 38 3.34 0.49 13.54
C LYS C 38 2.69 0.89 12.23
N GLY C 39 1.91 0.01 11.61
CA GLY C 39 1.28 0.29 10.33
C GLY C 39 2.19 0.22 9.13
N GLU C 40 3.39 -0.36 9.26
CA GLU C 40 4.39 -0.39 8.20
C GLU C 40 4.32 -1.71 7.42
N LYS C 41 4.20 -1.59 6.11
CA LYS C 41 4.20 -2.74 5.21
C LYS C 41 5.54 -3.45 5.21
N VAL C 42 5.52 -4.79 5.30
CA VAL C 42 6.72 -5.61 5.15
C VAL C 42 6.74 -6.18 3.74
N GLN C 43 7.75 -5.81 2.96
CA GLN C 43 7.90 -6.30 1.59
C GLN C 43 9.07 -7.28 1.52
N LEU C 44 8.78 -8.54 1.21
CA LEU C 44 9.82 -9.56 1.11
C LEU C 44 9.85 -10.05 -0.33
N ILE C 45 10.65 -9.37 -1.16
CA ILE C 45 10.82 -9.78 -2.55
C ILE C 45 11.24 -11.24 -2.61
N GLY C 46 10.59 -11.99 -3.48
CA GLY C 46 10.78 -13.42 -3.59
C GLY C 46 9.85 -14.23 -2.72
N PHE C 47 9.19 -13.63 -1.73
CA PHE C 47 8.24 -14.34 -0.89
C PHE C 47 6.84 -13.74 -0.90
N GLY C 48 6.70 -12.47 -0.55
CA GLY C 48 5.39 -11.90 -0.38
C GLY C 48 5.44 -10.71 0.56
N ASN C 49 4.27 -10.11 0.75
CA ASN C 49 4.14 -8.92 1.58
C ASN C 49 3.20 -9.16 2.73
N PHE C 50 3.58 -8.65 3.91
CA PHE C 50 2.68 -8.53 5.04
C PHE C 50 2.19 -7.09 5.13
N GLU C 51 0.88 -6.92 5.26
CA GLU C 51 0.25 -5.61 5.25
C GLU C 51 -0.67 -5.50 6.46
N VAL C 52 -1.17 -4.28 6.67
CA VAL C 52 -2.21 -4.02 7.66
C VAL C 52 -3.46 -3.65 6.88
N ARG C 53 -4.51 -4.45 7.05
CA ARG C 53 -5.79 -4.17 6.40
C ARG C 53 -6.63 -3.35 7.37
N GLU C 54 -6.85 -2.09 7.01
CA GLU C 54 -7.65 -1.16 7.80
C GLU C 54 -9.10 -1.22 7.35
N ARG C 55 -10.01 -1.11 8.31
CA ARG C 55 -11.45 -1.14 8.01
C ARG C 55 -12.09 0.04 8.73
N ALA C 56 -12.81 0.86 7.97
CA ALA C 56 -13.41 2.07 8.52
C ALA C 56 -14.56 1.74 9.46
N ALA C 57 -14.63 2.46 10.58
CA ALA C 57 -15.74 2.31 11.51
C ALA C 57 -17.05 2.66 10.81
N ARG C 58 -18.06 1.83 11.01
CA ARG C 58 -19.30 2.02 10.28
C ARG C 58 -20.43 1.27 10.99
N LYS C 59 -21.61 1.34 10.39
CA LYS C 59 -22.80 0.67 10.89
C LYS C 59 -23.23 -0.39 9.89
N GLY C 60 -23.40 -1.61 10.38
CA GLY C 60 -23.82 -2.73 9.57
C GLY C 60 -24.89 -3.48 10.34
N ARG C 61 -24.89 -4.80 10.29
CA ARG C 61 -25.97 -5.53 10.94
C ARG C 61 -25.51 -6.93 11.28
N ASN C 62 -25.51 -7.25 12.59
CA ASN C 62 -25.34 -8.62 13.06
C ASN C 62 -26.35 -9.48 12.33
N PRO C 63 -25.94 -10.40 11.46
CA PRO C 63 -26.90 -11.28 10.79
C PRO C 63 -27.42 -12.40 11.68
N GLN C 64 -26.93 -12.47 12.92
CA GLN C 64 -27.52 -13.32 13.95
C GLN C 64 -28.65 -12.62 14.69
N THR C 65 -28.97 -11.38 14.32
CA THR C 65 -30.07 -10.67 14.94
C THR C 65 -30.89 -9.99 13.87
N GLY C 66 -30.25 -9.58 12.79
CA GLY C 66 -30.85 -8.61 11.91
C GLY C 66 -30.90 -7.20 12.47
N LYS C 67 -30.52 -7.00 13.73
CA LYS C 67 -30.43 -5.66 14.28
C LYS C 67 -29.31 -4.88 13.61
N GLU C 68 -29.47 -3.56 13.53
CA GLU C 68 -28.38 -2.72 13.07
C GLU C 68 -27.33 -2.62 14.16
N ILE C 69 -26.06 -2.67 13.77
CA ILE C 69 -24.94 -2.67 14.71
C ILE C 69 -23.98 -1.56 14.30
N ASP C 70 -23.18 -1.10 15.26
CA ASP C 70 -22.12 -0.13 15.00
C ASP C 70 -20.79 -0.87 14.98
N ILE C 71 -20.21 -1.00 13.79
CA ILE C 71 -18.98 -1.79 13.60
C ILE C 71 -17.80 -0.85 13.82
N PRO C 72 -16.98 -1.08 14.85
CA PRO C 72 -15.82 -0.21 15.06
C PRO C 72 -14.80 -0.39 13.95
N ALA C 73 -13.95 0.62 13.81
CA ALA C 73 -12.83 0.48 12.89
C ALA C 73 -11.92 -0.64 13.36
N SER C 74 -11.18 -1.20 12.42
CA SER C 74 -10.32 -2.33 12.74
C SER C 74 -9.08 -2.30 11.88
N LYS C 75 -8.05 -2.97 12.37
CA LYS C 75 -6.80 -3.19 11.66
C LYS C 75 -6.46 -4.65 11.82
N VAL C 76 -6.32 -5.37 10.71
CA VAL C 76 -5.98 -6.78 10.78
C VAL C 76 -4.73 -7.08 9.97
N PRO C 77 -3.92 -8.06 10.35
CA PRO C 77 -2.81 -8.48 9.49
C PRO C 77 -3.34 -9.17 8.25
N ALA C 78 -2.62 -8.98 7.14
CA ALA C 78 -2.92 -9.64 5.89
C ALA C 78 -1.62 -10.01 5.19
N PHE C 79 -1.65 -11.10 4.43
CA PHE C 79 -0.49 -11.57 3.71
C PHE C 79 -0.82 -11.64 2.22
N LYS C 80 0.08 -11.08 1.40
CA LYS C 80 -0.06 -11.11 -0.06
C LYS C 80 1.10 -11.92 -0.63
N ALA C 81 0.80 -13.09 -1.20
CA ALA C 81 1.85 -13.96 -1.71
C ALA C 81 2.39 -13.42 -3.03
N GLY C 82 3.72 -13.49 -3.19
CA GLY C 82 4.35 -13.13 -4.44
C GLY C 82 4.26 -14.24 -5.47
N LYS C 83 4.75 -13.95 -6.68
CA LYS C 83 4.58 -14.91 -7.76
C LYS C 83 5.37 -16.18 -7.54
N ALA C 84 6.55 -16.07 -6.94
CA ALA C 84 7.38 -17.26 -6.73
C ALA C 84 6.69 -18.25 -5.81
N LEU C 85 6.02 -17.76 -4.77
CA LEU C 85 5.34 -18.65 -3.83
C LEU C 85 4.09 -19.26 -4.46
N LYS C 86 3.26 -18.44 -5.12
CA LYS C 86 2.07 -18.97 -5.80
C LYS C 86 2.44 -20.01 -6.83
N ASP C 87 3.53 -19.79 -7.55
CA ASP C 87 3.92 -20.74 -8.59
C ASP C 87 4.40 -22.05 -7.99
N ALA C 88 5.14 -22.00 -6.88
CA ALA C 88 5.62 -23.22 -6.25
C ALA C 88 4.47 -24.07 -5.73
N VAL C 89 3.40 -23.43 -5.25
CA VAL C 89 2.28 -24.16 -4.65
C VAL C 89 1.32 -24.68 -5.72
N LYS C 90 1.15 -23.92 -6.80
CA LYS C 90 0.43 -24.39 -7.98
C LYS C 90 1.27 -25.41 -8.76
N MET D 1 9.21 -1.72 5.57
CA MET D 1 10.36 -2.62 5.81
C MET D 1 10.57 -3.62 4.68
N ASN D 2 11.73 -3.56 4.01
CA ASN D 2 12.00 -4.52 2.96
C ASN D 2 12.93 -5.62 3.49
N LYS D 3 13.39 -6.52 2.61
CA LYS D 3 14.17 -7.67 3.07
C LYS D 3 15.53 -7.26 3.63
N THR D 4 16.14 -6.20 3.08
CA THR D 4 17.37 -5.66 3.68
C THR D 4 17.12 -5.16 5.09
N ASP D 5 16.01 -4.45 5.31
CA ASP D 5 15.68 -3.95 6.63
C ASP D 5 15.43 -5.08 7.61
N LEU D 6 14.77 -6.16 7.15
CA LEU D 6 14.53 -7.31 8.02
C LEU D 6 15.87 -7.96 8.41
N ILE D 7 16.75 -8.16 7.42
CA ILE D 7 18.05 -8.76 7.69
C ILE D 7 18.85 -7.95 8.71
N ASN D 8 18.77 -6.61 8.62
CA ASN D 8 19.46 -5.76 9.59
C ASN D 8 18.78 -5.82 10.95
N ALA D 9 17.45 -5.90 10.97
CA ALA D 9 16.74 -6.00 12.23
C ALA D 9 17.03 -7.32 12.92
N VAL D 10 17.21 -8.39 12.14
CA VAL D 10 17.50 -9.70 12.70
C VAL D 10 18.93 -9.73 13.26
N ALA D 11 19.86 -9.07 12.58
CA ALA D 11 21.25 -9.04 13.05
C ALA D 11 21.36 -8.32 14.39
N GLU D 12 20.64 -7.20 14.55
CA GLU D 12 20.70 -6.45 15.80
C GLU D 12 20.03 -7.20 16.94
N GLN D 13 18.80 -7.70 16.71
CA GLN D 13 18.05 -8.32 17.79
C GLN D 13 18.71 -9.63 18.25
N ALA D 14 19.23 -10.42 17.33
CA ALA D 14 19.81 -11.72 17.65
C ALA D 14 21.33 -11.70 17.75
N ASP D 15 21.94 -10.53 17.62
CA ASP D 15 23.39 -10.38 17.73
C ASP D 15 24.13 -11.33 16.77
N LEU D 16 23.86 -11.12 15.49
CA LEU D 16 24.49 -11.88 14.42
C LEU D 16 25.13 -10.91 13.42
N THR D 17 26.01 -11.45 12.59
CA THR D 17 26.53 -10.69 11.47
C THR D 17 25.48 -10.61 10.36
N LYS D 18 25.64 -9.60 9.49
CA LYS D 18 24.69 -9.44 8.38
C LYS D 18 24.71 -10.64 7.44
N LYS D 19 25.87 -11.29 7.30
CA LYS D 19 25.95 -12.50 6.51
C LYS D 19 25.21 -13.65 7.18
N GLU D 20 25.33 -13.77 8.50
CA GLU D 20 24.58 -14.79 9.23
C GLU D 20 23.08 -14.53 9.15
N ALA D 21 22.67 -13.29 9.42
CA ALA D 21 21.25 -12.94 9.37
C ALA D 21 20.71 -13.07 7.94
N GLY D 22 21.52 -12.72 6.94
CA GLY D 22 21.10 -12.91 5.56
C GLY D 22 20.77 -14.35 5.25
N SER D 23 21.63 -15.28 5.70
CA SER D 23 21.41 -16.69 5.44
C SER D 23 20.24 -17.24 6.25
N ALA D 24 20.08 -16.77 7.49
CA ALA D 24 18.92 -17.17 8.30
C ALA D 24 17.62 -16.72 7.64
N VAL D 25 17.55 -15.45 7.22
CA VAL D 25 16.32 -14.94 6.63
C VAL D 25 16.00 -15.69 5.34
N ASP D 26 17.03 -15.97 4.53
CA ASP D 26 16.79 -16.72 3.31
C ASP D 26 16.34 -18.13 3.64
N ALA D 27 16.92 -18.73 4.68
CA ALA D 27 16.56 -20.10 5.04
C ALA D 27 15.12 -20.19 5.53
N VAL D 28 14.67 -19.17 6.27
CA VAL D 28 13.31 -19.17 6.81
C VAL D 28 12.28 -19.22 5.68
N PHE D 29 12.45 -18.37 4.67
CA PHE D 29 11.39 -18.26 3.67
C PHE D 29 11.53 -19.31 2.59
N GLU D 30 12.74 -19.76 2.31
CA GLU D 30 12.92 -20.91 1.43
C GLU D 30 12.30 -22.18 2.03
N SER D 31 12.42 -22.35 3.35
CA SER D 31 11.83 -23.53 3.99
C SER D 31 10.32 -23.47 3.96
N ILE D 32 9.76 -22.28 4.21
CA ILE D 32 8.30 -22.13 4.17
C ILE D 32 7.78 -22.42 2.77
N GLN D 33 8.45 -21.87 1.74
CA GLN D 33 8.01 -22.12 0.37
C GLN D 33 8.07 -23.61 0.03
N ASN D 34 9.13 -24.29 0.48
CA ASN D 34 9.29 -25.69 0.12
C ASN D 34 8.27 -26.57 0.83
N SER D 35 7.98 -26.25 2.10
CA SER D 35 6.92 -26.96 2.80
C SER D 35 5.58 -26.77 2.08
N LEU D 36 5.20 -25.52 1.78
CA LEU D 36 3.95 -25.29 1.08
C LEU D 36 3.94 -25.95 -0.29
N ALA D 37 5.09 -25.99 -0.96
CA ALA D 37 5.17 -26.62 -2.27
C ALA D 37 4.90 -28.12 -2.19
N LYS D 38 5.19 -28.74 -1.04
CA LYS D 38 4.92 -30.15 -0.85
C LYS D 38 3.55 -30.39 -0.24
N GLY D 39 2.69 -29.37 -0.21
CA GLY D 39 1.37 -29.53 0.35
C GLY D 39 1.34 -29.57 1.86
N GLU D 40 2.39 -29.13 2.53
CA GLU D 40 2.52 -29.35 3.97
C GLU D 40 2.36 -28.03 4.73
N LYS D 41 1.33 -27.97 5.56
CA LYS D 41 1.05 -26.84 6.43
C LYS D 41 2.23 -26.48 7.33
N VAL D 42 2.45 -25.17 7.52
CA VAL D 42 3.52 -24.66 8.36
C VAL D 42 2.89 -24.01 9.58
N GLN D 43 3.21 -24.51 10.76
CA GLN D 43 2.59 -23.98 11.97
C GLN D 43 3.67 -23.35 12.83
N LEU D 44 3.56 -22.04 13.05
CA LEU D 44 4.55 -21.29 13.83
C LEU D 44 3.84 -20.67 15.01
N ILE D 45 3.68 -21.46 16.09
CA ILE D 45 3.00 -20.99 17.29
C ILE D 45 3.69 -19.74 17.78
N GLY D 46 2.93 -18.65 17.92
CA GLY D 46 3.45 -17.37 18.32
C GLY D 46 3.40 -16.33 17.22
N PHE D 47 3.34 -16.76 15.96
CA PHE D 47 3.22 -15.87 14.80
C PHE D 47 1.99 -16.20 13.96
N GLY D 48 1.84 -17.43 13.49
CA GLY D 48 0.70 -17.79 12.67
C GLY D 48 1.05 -18.99 11.82
N ASN D 49 0.12 -19.34 10.92
CA ASN D 49 0.27 -20.55 10.12
C ASN D 49 0.26 -20.22 8.63
N PHE D 50 1.09 -20.92 7.86
CA PHE D 50 1.03 -20.87 6.40
C PHE D 50 0.38 -22.15 5.90
N GLU D 51 -0.64 -22.01 5.06
CA GLU D 51 -1.44 -23.15 4.63
C GLU D 51 -1.57 -23.16 3.12
N VAL D 52 -1.88 -24.34 2.59
CA VAL D 52 -2.23 -24.49 1.18
C VAL D 52 -3.75 -24.59 1.09
N ARG D 53 -4.37 -23.57 0.54
CA ARG D 53 -5.82 -23.53 0.44
C ARG D 53 -6.23 -24.07 -0.91
N GLU D 54 -7.10 -25.07 -0.92
CA GLU D 54 -7.62 -25.59 -2.17
C GLU D 54 -8.86 -24.81 -2.58
N ARG D 55 -8.82 -24.29 -3.81
CA ARG D 55 -10.03 -23.78 -4.46
C ARG D 55 -10.64 -24.93 -5.25
N ALA D 56 -11.79 -25.42 -4.77
CA ALA D 56 -12.38 -26.64 -5.31
C ALA D 56 -12.77 -26.48 -6.77
N ALA D 57 -12.69 -27.60 -7.50
CA ALA D 57 -13.08 -27.61 -8.90
C ALA D 57 -14.55 -27.26 -9.03
N ARG D 58 -14.91 -26.67 -10.16
CA ARG D 58 -16.26 -26.17 -10.31
C ARG D 58 -16.61 -26.09 -11.78
N LYS D 59 -17.89 -25.86 -12.04
CA LYS D 59 -18.40 -25.76 -13.40
C LYS D 59 -18.43 -24.31 -13.81
N GLY D 60 -18.16 -24.07 -15.09
CA GLY D 60 -18.27 -22.77 -15.67
C GLY D 60 -18.85 -22.92 -17.05
N ARG D 61 -18.94 -21.83 -17.81
CA ARG D 61 -19.51 -21.89 -19.14
C ARG D 61 -18.60 -21.13 -20.09
N ASN D 62 -18.29 -21.73 -21.22
CA ASN D 62 -17.54 -21.05 -22.25
C ASN D 62 -18.46 -20.05 -22.94
N PRO D 63 -18.17 -18.75 -22.90
CA PRO D 63 -19.07 -17.78 -23.54
C PRO D 63 -19.09 -17.87 -25.06
N GLN D 64 -18.07 -18.45 -25.70
CA GLN D 64 -18.07 -18.53 -27.16
C GLN D 64 -18.49 -19.89 -27.69
N THR D 65 -18.78 -20.88 -26.84
CA THR D 65 -19.39 -22.13 -27.26
C THR D 65 -20.74 -22.41 -26.62
N GLY D 66 -21.05 -21.77 -25.49
CA GLY D 66 -22.23 -22.15 -24.74
C GLY D 66 -22.12 -23.48 -24.05
N LYS D 67 -21.01 -24.18 -24.21
CA LYS D 67 -20.79 -25.45 -23.53
C LYS D 67 -20.30 -25.17 -22.12
N GLU D 68 -20.85 -25.91 -21.16
CA GLU D 68 -20.34 -25.81 -19.80
C GLU D 68 -18.97 -26.49 -19.74
N ILE D 69 -18.06 -25.90 -18.97
CA ILE D 69 -16.67 -26.33 -18.95
C ILE D 69 -16.31 -26.73 -17.53
N ASP D 70 -15.16 -27.41 -17.42
CA ASP D 70 -14.59 -27.84 -16.13
C ASP D 70 -13.50 -26.86 -15.75
N ILE D 71 -13.73 -26.10 -14.68
CA ILE D 71 -12.71 -25.24 -14.09
C ILE D 71 -11.92 -26.10 -13.08
N PRO D 72 -10.64 -26.36 -13.33
CA PRO D 72 -9.90 -27.27 -12.45
C PRO D 72 -9.72 -26.71 -11.04
N ALA D 73 -9.57 -27.62 -10.07
CA ALA D 73 -9.19 -27.20 -8.74
C ALA D 73 -7.77 -26.64 -8.73
N SER D 74 -7.55 -25.67 -7.87
CA SER D 74 -6.27 -24.98 -7.74
C SER D 74 -5.87 -24.92 -6.27
N LYS D 75 -4.59 -24.69 -6.04
CA LYS D 75 -4.06 -24.54 -4.69
C LYS D 75 -3.34 -23.20 -4.61
N VAL D 76 -3.61 -22.44 -3.56
CA VAL D 76 -3.01 -21.13 -3.39
C VAL D 76 -2.46 -21.03 -1.96
N PRO D 77 -1.40 -20.25 -1.74
CA PRO D 77 -0.91 -20.07 -0.36
C PRO D 77 -1.87 -19.20 0.44
N ALA D 78 -1.91 -19.47 1.75
CA ALA D 78 -2.72 -18.71 2.69
C ALA D 78 -1.93 -18.49 3.97
N PHE D 79 -2.18 -17.36 4.63
CA PHE D 79 -1.59 -17.08 5.94
C PHE D 79 -2.72 -16.88 6.94
N LYS D 80 -2.66 -17.58 8.06
CA LYS D 80 -3.65 -17.45 9.14
C LYS D 80 -2.92 -16.85 10.34
N ALA D 81 -3.11 -15.56 10.60
CA ALA D 81 -2.36 -14.91 11.66
C ALA D 81 -2.74 -15.46 13.03
N GLY D 82 -1.77 -15.52 13.94
CA GLY D 82 -2.00 -15.96 15.29
C GLY D 82 -2.47 -14.85 16.19
N LYS D 83 -2.76 -15.21 17.45
CA LYS D 83 -3.33 -14.25 18.38
C LYS D 83 -2.37 -13.11 18.67
N ALA D 84 -1.10 -13.43 18.95
CA ALA D 84 -0.11 -12.40 19.24
C ALA D 84 -0.04 -11.36 18.13
N LEU D 85 -0.05 -11.80 16.87
CA LEU D 85 0.06 -10.87 15.75
C LEU D 85 -1.18 -9.98 15.63
N LYS D 86 -2.36 -10.59 15.73
CA LYS D 86 -3.60 -9.82 15.63
C LYS D 86 -3.70 -8.80 16.77
N ASP D 87 -3.38 -9.21 17.99
CA ASP D 87 -3.35 -8.28 19.12
C ASP D 87 -2.47 -7.08 18.82
N ALA D 88 -1.27 -7.33 18.28
CA ALA D 88 -0.32 -6.26 18.01
C ALA D 88 -0.82 -5.29 16.94
N VAL D 89 -1.68 -5.76 16.03
CA VAL D 89 -2.09 -4.92 14.91
C VAL D 89 -3.33 -4.08 15.24
N LYS D 90 -4.27 -4.61 16.03
CA LYS D 90 -5.48 -3.83 16.39
C LYS D 90 -5.12 -2.50 17.03
#